data_4NVD
#
_entry.id   4NVD
#
_cell.length_a   50.770
_cell.length_b   73.550
_cell.length_c   104.510
_cell.angle_alpha   90.000
_cell.angle_beta   90.000
_cell.angle_gamma   90.000
#
_symmetry.space_group_name_H-M   'P 21 21 21'
#
loop_
_entity.id
_entity.type
_entity.pdbx_description
1 polymer 'Cytochrome c peroxidase'
2 non-polymer quinazolin-4-amine
3 non-polymer 'PROTOPORPHYRIN IX CONTAINING FE'
4 water water
#
_entity_poly.entity_id   1
_entity_poly.type   'polypeptide(L)'
_entity_poly.pdbx_seq_one_letter_code
;LVHVASVEKGRSYEDFQKVYNAIALKLREDDEYDNYIGYGPVLVRLAWHISGTWDKHDNTGGSYGGTYRFKKEFNDPSNA
GLQNGFKFLEPIHKEFPWISSGDLFSLGGVTAVQEMQGPKIPWRCGRVDTPEDTTPDNGRLPDADKDAGYVRTFFQRLNM
NDREVVALMGAHALGKTHLKNSGYEGGGANNVFTNEFYLNLLNEDWKLEKNDANNEQWDSKSGYMMLPTDYSLIQDPKYL
SIVKEYANDQDKFFKDFSKAFEKLLENGITFPKDAPSPFIFKTLEEQGL
;
_entity_poly.pdbx_strand_id   A
#
loop_
_chem_comp.id
_chem_comp.type
_chem_comp.name
_chem_comp.formula
1LQ non-polymer quinazolin-4-amine 'C8 H7 N3'
HEM non-polymer 'PROTOPORPHYRIN IX CONTAINING FE' 'C34 H32 Fe N4 O4'
#
# COMPACT_ATOMS: atom_id res chain seq x y z
N LEU A 1 14.90 -20.79 -5.03
CA LEU A 1 14.62 -19.45 -5.55
C LEU A 1 14.99 -18.37 -4.56
N VAL A 2 16.16 -17.77 -4.78
CA VAL A 2 16.67 -16.74 -3.90
C VAL A 2 16.81 -15.44 -4.67
N HIS A 3 16.35 -14.34 -4.08
N HIS A 3 16.37 -14.34 -4.07
CA HIS A 3 16.48 -13.03 -4.66
CA HIS A 3 16.49 -13.04 -4.66
C HIS A 3 17.37 -12.21 -3.80
C HIS A 3 17.37 -12.20 -3.80
N VAL A 4 18.62 -12.05 -4.21
CA VAL A 4 19.58 -11.32 -3.42
C VAL A 4 19.58 -9.84 -3.75
N ALA A 5 19.40 -9.01 -2.73
CA ALA A 5 19.42 -7.54 -2.91
C ALA A 5 20.78 -7.13 -3.45
N SER A 6 20.80 -6.32 -4.51
CA SER A 6 22.08 -5.83 -5.13
C SER A 6 21.95 -4.34 -5.31
N VAL A 7 22.70 -3.59 -4.52
CA VAL A 7 22.62 -2.12 -4.56
C VAL A 7 22.91 -1.63 -5.97
N GLU A 8 22.09 -0.73 -6.48
CA GLU A 8 22.37 -0.09 -7.77
C GLU A 8 23.76 0.52 -7.71
N LYS A 9 24.59 0.32 -8.76
CA LYS A 9 26.03 0.50 -8.66
C LYS A 9 26.38 1.94 -8.33
N GLY A 10 27.14 2.12 -7.24
CA GLY A 10 27.62 3.43 -6.82
C GLY A 10 26.63 4.28 -6.07
N ARG A 11 25.45 3.72 -5.73
CA ARG A 11 24.41 4.55 -5.08
C ARG A 11 24.44 4.46 -3.57
N SER A 12 24.07 5.57 -2.93
CA SER A 12 24.01 5.63 -1.49
C SER A 12 22.78 6.42 -1.04
N TYR A 13 22.64 6.61 0.27
CA TYR A 13 21.48 7.26 0.83
C TYR A 13 21.05 8.49 0.06
N GLU A 14 22.01 9.37 -0.23
N GLU A 14 22.01 9.38 -0.20
CA GLU A 14 21.67 10.64 -0.87
CA GLU A 14 21.70 10.65 -0.85
C GLU A 14 21.05 10.49 -2.24
C GLU A 14 21.02 10.46 -2.21
N ASP A 15 21.47 9.47 -2.98
CA ASP A 15 20.84 9.22 -4.29
C ASP A 15 19.36 8.89 -4.11
N PHE A 16 19.04 8.03 -3.16
CA PHE A 16 17.67 7.66 -2.92
C PHE A 16 16.83 8.77 -2.32
N GLN A 17 17.41 9.60 -1.46
CA GLN A 17 16.74 10.77 -0.93
C GLN A 17 16.32 11.73 -2.09
N LYS A 18 17.16 11.84 -3.12
N LYS A 18 17.16 11.84 -3.12
CA LYS A 18 16.79 12.64 -4.28
CA LYS A 18 16.78 12.64 -4.28
C LYS A 18 15.58 12.09 -5.03
C LYS A 18 15.56 12.08 -5.02
N VAL A 19 15.49 10.77 -5.12
CA VAL A 19 14.34 10.14 -5.72
C VAL A 19 13.06 10.36 -4.87
N TYR A 20 13.21 10.13 -3.55
CA TYR A 20 12.12 10.44 -2.65
C TYR A 20 11.63 11.88 -2.84
N ASN A 21 12.59 12.81 -2.91
CA ASN A 21 12.23 14.22 -3.00
C ASN A 21 11.49 14.49 -4.29
N ALA A 22 11.90 13.92 -5.41
CA ALA A 22 11.21 14.10 -6.70
C ALA A 22 9.79 13.58 -6.62
N ILE A 23 9.62 12.40 -6.01
CA ILE A 23 8.25 11.86 -5.84
C ILE A 23 7.43 12.81 -5.00
N ALA A 24 8.04 13.23 -3.86
CA ALA A 24 7.35 14.09 -2.92
C ALA A 24 6.92 15.45 -3.53
N LEU A 25 7.81 16.03 -4.33
CA LEU A 25 7.49 17.33 -4.93
C LEU A 25 6.39 17.16 -5.97
N LYS A 26 6.41 16.07 -6.69
CA LYS A 26 5.37 15.81 -7.68
C LYS A 26 4.01 15.55 -6.98
N LEU A 27 4.04 14.86 -5.83
CA LEU A 27 2.83 14.64 -5.05
C LEU A 27 2.19 15.95 -4.62
N ARG A 28 3.04 16.89 -4.21
CA ARG A 28 2.59 18.21 -3.86
C ARG A 28 2.00 18.98 -5.04
N GLU A 29 2.73 18.89 -6.18
N GLU A 29 2.61 18.88 -6.20
CA GLU A 29 2.40 19.65 -7.43
CA GLU A 29 2.18 19.79 -7.28
C GLU A 29 1.07 19.21 -8.02
C GLU A 29 1.11 19.22 -8.22
N ASP A 30 0.97 17.90 -8.26
CA ASP A 30 -0.11 17.28 -9.03
C ASP A 30 -1.31 16.98 -8.15
N ASP A 31 -1.89 18.06 -7.65
CA ASP A 31 -2.82 17.98 -6.54
C ASP A 31 -4.28 17.74 -6.96
N GLU A 32 -4.53 17.85 -8.15
CA GLU A 32 -5.91 17.81 -8.61
C GLU A 32 -6.44 16.41 -8.82
N TYR A 33 -5.55 15.45 -9.01
CA TYR A 33 -5.94 14.07 -9.29
C TYR A 33 -7.02 13.51 -8.35
N ASP A 34 -8.01 12.85 -8.93
CA ASP A 34 -9.04 12.13 -8.19
C ASP A 34 -9.77 13.07 -7.25
N ASN A 35 -10.33 14.12 -7.83
N ASN A 35 -10.33 14.13 -7.83
CA ASN A 35 -11.08 15.11 -7.05
CA ASN A 35 -11.10 15.11 -7.05
C ASN A 35 -10.28 15.68 -5.88
C ASN A 35 -10.28 15.69 -5.88
N TYR A 36 -9.02 15.99 -6.16
CA TYR A 36 -8.14 16.64 -5.20
C TYR A 36 -7.68 15.76 -4.04
N ILE A 37 -7.84 14.45 -4.17
CA ILE A 37 -7.19 13.51 -3.21
C ILE A 37 -5.67 13.56 -3.47
N GLY A 38 -5.26 13.71 -4.71
CA GLY A 38 -3.86 13.63 -5.10
C GLY A 38 -3.43 12.14 -5.20
N TYR A 39 -2.18 11.91 -5.61
CA TYR A 39 -1.69 10.58 -5.95
C TYR A 39 -1.20 9.78 -4.73
N GLY A 40 -1.26 10.30 -3.51
CA GLY A 40 -0.70 9.54 -2.39
C GLY A 40 -1.31 8.19 -2.19
N PRO A 41 -2.66 8.11 -2.14
CA PRO A 41 -3.27 6.81 -1.88
C PRO A 41 -3.02 5.80 -2.98
N VAL A 42 -3.10 6.18 -4.25
CA VAL A 42 -2.86 5.22 -5.32
C VAL A 42 -1.40 4.71 -5.31
N LEU A 43 -0.46 5.56 -4.91
CA LEU A 43 0.92 5.10 -4.79
C LEU A 43 1.13 4.11 -3.65
N VAL A 44 0.39 4.31 -2.55
CA VAL A 44 0.44 3.28 -1.47
C VAL A 44 -0.13 1.97 -1.96
N ARG A 45 -1.27 2.05 -2.65
N ARG A 45 -1.27 2.06 -2.64
CA ARG A 45 -1.87 0.82 -3.13
CA ARG A 45 -1.95 0.88 -3.21
C ARG A 45 -0.95 0.12 -4.16
C ARG A 45 -1.01 0.14 -4.18
N LEU A 46 -0.29 0.90 -5.00
CA LEU A 46 0.65 0.31 -6.00
C LEU A 46 1.75 -0.47 -5.27
N ALA A 47 2.38 0.14 -4.26
CA ALA A 47 3.44 -0.53 -3.54
C ALA A 47 2.95 -1.82 -2.85
N TRP A 48 1.73 -1.81 -2.36
CA TRP A 48 1.13 -3.00 -1.79
C TRP A 48 0.85 -4.06 -2.83
N HIS A 49 0.29 -3.68 -3.98
CA HIS A 49 -0.04 -4.67 -5.01
C HIS A 49 1.15 -5.32 -5.67
N ILE A 50 2.25 -4.60 -5.81
CA ILE A 50 3.45 -5.17 -6.41
C ILE A 50 4.13 -6.11 -5.41
N SER A 51 3.84 -5.92 -4.13
CA SER A 51 4.41 -6.77 -3.07
C SER A 51 3.50 -7.95 -2.73
N GLY A 52 2.20 -7.75 -2.84
CA GLY A 52 1.19 -8.71 -2.38
C GLY A 52 0.96 -9.92 -3.28
N THR A 53 1.70 -10.00 -4.40
CA THR A 53 1.74 -11.17 -5.24
C THR A 53 2.66 -12.25 -4.66
N TRP A 54 3.40 -11.94 -3.60
CA TRP A 54 4.35 -12.89 -3.04
C TRP A 54 3.72 -14.16 -2.53
N ASP A 55 4.44 -15.27 -2.66
CA ASP A 55 4.02 -16.56 -2.08
C ASP A 55 5.16 -17.13 -1.25
N LYS A 56 5.02 -17.17 0.07
CA LYS A 56 6.07 -17.68 0.96
C LYS A 56 6.47 -19.15 0.59
N HIS A 57 5.59 -19.89 -0.07
CA HIS A 57 5.87 -21.33 -0.26
C HIS A 57 6.96 -21.59 -1.26
N ASP A 58 6.99 -20.79 -2.33
CA ASP A 58 8.03 -20.93 -3.37
C ASP A 58 8.84 -19.68 -3.67
N ASN A 59 8.58 -18.60 -2.93
N ASN A 59 8.56 -18.60 -2.94
CA ASN A 59 9.23 -17.31 -3.13
CA ASN A 59 9.28 -17.33 -3.10
C ASN A 59 9.01 -16.71 -4.51
C ASN A 59 9.02 -16.70 -4.49
N THR A 60 7.89 -17.05 -5.14
CA THR A 60 7.48 -16.40 -6.36
C THR A 60 6.81 -15.05 -6.02
N GLY A 61 6.72 -14.20 -7.03
CA GLY A 61 6.07 -12.90 -6.86
C GLY A 61 6.89 -12.00 -5.93
N GLY A 62 6.19 -11.02 -5.37
CA GLY A 62 6.82 -10.03 -4.49
C GLY A 62 7.46 -8.86 -5.23
N SER A 63 7.89 -7.87 -4.48
CA SER A 63 8.38 -6.64 -5.06
C SER A 63 9.69 -6.73 -5.80
N TYR A 64 10.49 -7.75 -5.52
CA TYR A 64 11.88 -7.80 -6.02
C TYR A 64 12.03 -7.50 -7.51
N GLY A 65 11.28 -8.20 -8.35
CA GLY A 65 11.58 -8.24 -9.76
C GLY A 65 11.01 -7.12 -10.57
N GLY A 66 10.19 -6.26 -9.97
CA GLY A 66 9.64 -5.13 -10.70
C GLY A 66 8.66 -5.53 -11.82
N THR A 67 8.01 -6.68 -11.70
CA THR A 67 7.28 -7.32 -12.78
C THR A 67 5.96 -6.66 -13.10
N TYR A 68 5.51 -5.70 -12.31
CA TYR A 68 4.32 -4.93 -12.66
C TYR A 68 4.48 -4.20 -14.00
N ARG A 69 5.71 -3.98 -14.43
CA ARG A 69 6.01 -3.28 -15.72
C ARG A 69 5.61 -4.14 -16.92
N PHE A 70 5.36 -5.42 -16.72
CA PHE A 70 4.97 -6.37 -17.79
C PHE A 70 3.45 -6.51 -17.89
N LYS A 71 3.00 -6.68 -19.12
CA LYS A 71 1.56 -6.57 -19.41
C LYS A 71 0.71 -7.55 -18.60
N LYS A 72 1.20 -8.77 -18.37
CA LYS A 72 0.34 -9.73 -17.66
C LYS A 72 -0.09 -9.15 -16.30
N GLU A 73 0.86 -8.54 -15.60
CA GLU A 73 0.61 -8.03 -14.25
C GLU A 73 -0.05 -6.67 -14.29
N PHE A 74 0.43 -5.82 -15.20
CA PHE A 74 -0.10 -4.47 -15.35
C PHE A 74 -1.62 -4.56 -15.62
N ASN A 75 -2.00 -5.57 -16.38
CA ASN A 75 -3.39 -5.80 -16.79
C ASN A 75 -4.23 -6.69 -15.91
N ASP A 76 -3.67 -7.09 -14.76
CA ASP A 76 -4.44 -7.90 -13.81
C ASP A 76 -5.69 -7.10 -13.45
N PRO A 77 -6.87 -7.72 -13.53
CA PRO A 77 -8.07 -7.02 -13.12
C PRO A 77 -7.96 -6.45 -11.69
N SER A 78 -7.23 -7.14 -10.77
CA SER A 78 -7.03 -6.69 -9.37
C SER A 78 -6.28 -5.39 -9.32
N ASN A 79 -5.58 -5.07 -10.40
CA ASN A 79 -4.74 -3.88 -10.45
C ASN A 79 -5.38 -2.70 -11.20
N ALA A 80 -6.66 -2.83 -11.52
CA ALA A 80 -7.33 -1.76 -12.26
C ALA A 80 -7.25 -0.44 -11.48
N GLY A 81 -6.78 0.62 -12.13
CA GLY A 81 -6.59 1.94 -11.54
C GLY A 81 -5.13 2.26 -11.19
N LEU A 82 -4.32 1.24 -11.02
CA LEU A 82 -2.92 1.44 -10.61
C LEU A 82 -2.11 2.03 -11.74
N GLN A 83 -2.64 1.94 -13.00
CA GLN A 83 -1.95 2.58 -14.12
C GLN A 83 -1.73 4.09 -13.86
N ASN A 84 -2.63 4.69 -13.09
CA ASN A 84 -2.48 6.09 -12.71
C ASN A 84 -1.21 6.32 -11.90
N GLY A 85 -0.94 5.41 -10.98
CA GLY A 85 0.29 5.41 -10.21
C GLY A 85 1.54 5.20 -11.06
N PHE A 86 1.46 4.22 -11.97
CA PHE A 86 2.56 3.97 -12.84
C PHE A 86 2.87 5.21 -13.67
N LYS A 87 1.85 5.87 -14.18
CA LYS A 87 2.04 7.05 -15.01
C LYS A 87 2.64 8.22 -14.23
N PHE A 88 2.24 8.36 -12.98
CA PHE A 88 2.84 9.33 -12.07
C PHE A 88 4.34 9.10 -11.93
N LEU A 89 4.71 7.84 -11.77
CA LEU A 89 6.13 7.49 -11.51
C LEU A 89 7.00 7.52 -12.78
N GLU A 90 6.36 7.49 -13.95
CA GLU A 90 7.09 7.45 -15.23
C GLU A 90 8.16 8.52 -15.38
N PRO A 91 7.78 9.80 -15.21
N PRO A 91 7.79 9.78 -15.19
CA PRO A 91 8.75 10.90 -15.27
CA PRO A 91 8.78 10.87 -15.32
C PRO A 91 9.85 10.80 -14.24
C PRO A 91 9.83 10.91 -14.19
N ILE A 92 9.50 10.28 -13.07
CA ILE A 92 10.46 10.09 -12.00
C ILE A 92 11.54 9.08 -12.46
N HIS A 93 11.09 7.98 -13.08
CA HIS A 93 12.02 6.99 -13.55
C HIS A 93 12.89 7.55 -14.65
N LYS A 94 12.32 8.41 -15.51
CA LYS A 94 13.10 9.01 -16.59
C LYS A 94 14.17 9.96 -16.05
N GLU A 95 13.89 10.63 -14.99
CA GLU A 95 14.85 11.49 -14.31
C GLU A 95 15.95 10.73 -13.60
N PHE A 96 15.59 9.57 -13.06
CA PHE A 96 16.52 8.73 -12.29
C PHE A 96 16.53 7.29 -12.81
N PRO A 97 17.03 7.11 -14.03
N PRO A 97 16.93 7.07 -14.06
CA PRO A 97 16.93 5.84 -14.74
CA PRO A 97 16.70 5.73 -14.62
C PRO A 97 17.69 4.69 -14.08
C PRO A 97 17.67 4.66 -14.07
N TRP A 98 18.58 5.06 -13.18
CA TRP A 98 19.47 4.10 -12.53
C TRP A 98 18.73 3.24 -11.52
N ILE A 99 17.55 3.68 -11.02
CA ILE A 99 16.85 2.94 -9.95
C ILE A 99 16.10 1.76 -10.58
N SER A 100 16.04 0.61 -9.89
CA SER A 100 15.29 -0.48 -10.40
C SER A 100 13.80 -0.21 -10.28
N SER A 101 13.01 -0.92 -11.04
CA SER A 101 11.56 -0.77 -11.02
C SER A 101 10.95 -1.14 -9.67
N GLY A 102 11.37 -2.24 -9.10
CA GLY A 102 10.80 -2.60 -7.78
C GLY A 102 11.22 -1.61 -6.70
N ASP A 103 12.43 -1.11 -6.76
CA ASP A 103 12.82 -0.07 -5.85
C ASP A 103 11.98 1.20 -6.06
N LEU A 104 11.71 1.60 -7.31
CA LEU A 104 10.89 2.76 -7.51
C LEU A 104 9.45 2.57 -7.00
N PHE A 105 8.81 1.46 -7.36
CA PHE A 105 7.41 1.25 -6.96
C PHE A 105 7.29 1.22 -5.42
N SER A 106 8.22 0.52 -4.74
CA SER A 106 8.15 0.43 -3.33
C SER A 106 8.46 1.78 -2.66
N LEU A 107 9.44 2.49 -3.18
CA LEU A 107 9.78 3.79 -2.64
C LEU A 107 8.63 4.79 -2.83
N GLY A 108 7.89 4.65 -3.94
CA GLY A 108 6.71 5.49 -4.11
C GLY A 108 5.71 5.34 -2.97
N GLY A 109 5.54 4.12 -2.48
CA GLY A 109 4.62 3.91 -1.37
C GLY A 109 5.12 4.48 -0.04
N VAL A 110 6.42 4.29 0.23
CA VAL A 110 7.05 4.87 1.43
C VAL A 110 6.91 6.40 1.42
N THR A 111 7.25 6.98 0.27
CA THR A 111 7.20 8.40 0.13
C THR A 111 5.79 8.92 0.39
N ALA A 112 4.83 8.26 -0.25
CA ALA A 112 3.44 8.67 -0.08
C ALA A 112 2.98 8.61 1.40
N VAL A 113 3.26 7.50 2.06
CA VAL A 113 2.92 7.39 3.47
C VAL A 113 3.50 8.53 4.32
N GLN A 114 4.78 8.80 4.10
CA GLN A 114 5.45 9.80 4.90
C GLN A 114 4.95 11.21 4.56
N GLU A 115 4.77 11.50 3.28
CA GLU A 115 4.34 12.84 2.90
C GLU A 115 2.90 13.14 3.31
N MET A 116 2.09 12.10 3.47
CA MET A 116 0.73 12.16 4.02
C MET A 116 0.73 12.17 5.56
N GLN A 117 1.87 12.44 6.16
CA GLN A 117 2.02 12.59 7.61
C GLN A 117 1.92 11.27 8.37
N GLY A 118 2.19 10.17 7.67
CA GLY A 118 2.23 8.88 8.34
C GLY A 118 3.52 8.65 9.06
N PRO A 119 3.70 7.42 9.52
CA PRO A 119 4.97 7.08 10.19
C PRO A 119 6.12 7.07 9.21
N LYS A 120 7.33 7.20 9.73
N LYS A 120 7.33 7.20 9.73
CA LYS A 120 8.52 6.87 8.97
CA LYS A 120 8.50 6.84 8.97
C LYS A 120 8.52 5.36 8.67
C LYS A 120 8.48 5.36 8.67
N ILE A 121 8.86 5.01 7.44
CA ILE A 121 8.96 3.62 7.02
C ILE A 121 10.40 3.39 6.56
N PRO A 122 11.19 2.63 7.33
CA PRO A 122 12.55 2.35 6.84
C PRO A 122 12.43 1.59 5.53
N TRP A 123 13.39 1.82 4.64
CA TRP A 123 13.31 1.29 3.26
C TRP A 123 14.72 0.84 2.84
N ARG A 124 14.79 -0.29 2.19
CA ARG A 124 16.07 -0.85 1.76
C ARG A 124 16.05 -0.93 0.25
N CYS A 125 17.18 -0.57 -0.35
CA CYS A 125 17.38 -0.69 -1.80
C CYS A 125 17.88 -2.08 -2.20
N GLY A 126 17.89 -2.30 -3.50
CA GLY A 126 18.51 -3.47 -4.06
C GLY A 126 17.66 -4.43 -4.81
N ARG A 127 16.39 -4.12 -5.00
CA ARG A 127 15.55 -4.96 -5.84
C ARG A 127 16.13 -4.92 -7.26
N VAL A 128 16.09 -6.06 -7.96
CA VAL A 128 16.68 -6.13 -9.31
C VAL A 128 15.60 -6.55 -10.27
N ASP A 129 15.47 -5.84 -11.38
CA ASP A 129 14.49 -6.18 -12.38
C ASP A 129 14.76 -7.60 -12.93
N THR A 130 13.71 -8.42 -12.99
CA THR A 130 13.81 -9.79 -13.50
C THR A 130 13.00 -9.88 -14.80
N PRO A 131 13.21 -10.92 -15.60
N PRO A 131 13.21 -10.95 -15.57
CA PRO A 131 12.56 -10.83 -16.91
CA PRO A 131 12.57 -11.12 -16.88
C PRO A 131 11.10 -11.27 -16.91
C PRO A 131 11.06 -11.33 -16.90
N GLU A 132 10.49 -11.16 -18.07
CA GLU A 132 9.03 -11.23 -18.21
C GLU A 132 8.45 -12.56 -17.77
N ASP A 133 9.21 -13.64 -17.93
CA ASP A 133 8.70 -14.94 -17.54
C ASP A 133 8.70 -15.17 -16.03
N THR A 134 9.23 -14.20 -15.25
CA THR A 134 9.13 -14.24 -13.79
C THR A 134 7.87 -13.52 -13.27
N THR A 135 7.05 -12.97 -14.17
CA THR A 135 5.84 -12.26 -13.75
C THR A 135 4.85 -13.28 -13.19
N PRO A 136 4.32 -13.03 -11.97
CA PRO A 136 3.34 -13.98 -11.40
C PRO A 136 2.01 -13.89 -12.18
N ASP A 137 1.30 -15.00 -12.32
CA ASP A 137 -0.05 -14.98 -12.87
C ASP A 137 -0.98 -14.13 -12.02
N ASN A 138 -2.03 -13.63 -12.66
CA ASN A 138 -3.11 -12.94 -11.99
C ASN A 138 -3.79 -13.88 -10.98
N GLY A 139 -4.46 -13.28 -10.02
CA GLY A 139 -5.23 -14.02 -9.06
C GLY A 139 -4.63 -14.21 -7.68
N ARG A 140 -3.46 -13.57 -7.43
CA ARG A 140 -2.80 -13.66 -6.11
C ARG A 140 -3.18 -12.53 -5.14
N LEU A 141 -3.88 -11.52 -5.62
CA LEU A 141 -4.34 -10.41 -4.76
C LEU A 141 -5.73 -10.71 -4.22
N PRO A 142 -6.12 -10.13 -3.08
CA PRO A 142 -7.30 -10.58 -2.34
C PRO A 142 -8.60 -10.05 -2.88
N ASP A 143 -9.65 -10.85 -2.69
CA ASP A 143 -11.03 -10.48 -2.99
C ASP A 143 -11.57 -9.65 -1.82
N ALA A 144 -12.48 -8.72 -2.08
CA ALA A 144 -13.04 -7.80 -1.07
C ALA A 144 -14.39 -8.27 -0.54
N ASP A 145 -15.01 -9.29 -1.16
CA ASP A 145 -16.37 -9.74 -0.85
C ASP A 145 -16.49 -10.82 0.23
N LYS A 146 -15.42 -11.08 0.91
CA LYS A 146 -15.22 -12.19 1.78
C LYS A 146 -15.19 -11.82 3.24
N ASP A 147 -15.06 -12.84 4.08
CA ASP A 147 -15.14 -12.70 5.49
C ASP A 147 -13.79 -12.78 6.21
N ALA A 148 -13.82 -12.73 7.55
CA ALA A 148 -12.60 -12.66 8.32
C ALA A 148 -11.76 -13.92 8.14
N GLY A 149 -12.39 -15.08 8.04
CA GLY A 149 -11.63 -16.30 7.84
C GLY A 149 -10.85 -16.27 6.53
N TYR A 150 -11.48 -15.73 5.46
CA TYR A 150 -10.80 -15.59 4.22
C TYR A 150 -9.59 -14.65 4.37
N VAL A 151 -9.81 -13.48 5.00
CA VAL A 151 -8.71 -12.52 5.20
C VAL A 151 -7.53 -13.16 5.95
N ARG A 152 -7.84 -13.87 7.01
CA ARG A 152 -6.80 -14.49 7.84
C ARG A 152 -5.99 -15.51 7.02
N THR A 153 -6.69 -16.38 6.32
CA THR A 153 -6.05 -17.39 5.50
C THR A 153 -5.24 -16.76 4.36
N PHE A 154 -5.84 -15.79 3.68
CA PHE A 154 -5.15 -15.14 2.58
C PHE A 154 -3.79 -14.61 3.02
N PHE A 155 -3.78 -13.88 4.13
CA PHE A 155 -2.57 -13.21 4.59
C PHE A 155 -1.51 -14.14 5.16
N GLN A 156 -1.89 -15.37 5.48
CA GLN A 156 -0.86 -16.35 5.88
C GLN A 156 0.12 -16.57 4.74
N ARG A 157 -0.35 -16.47 3.49
CA ARG A 157 0.52 -16.70 2.32
C ARG A 157 1.61 -15.65 2.24
N LEU A 158 1.31 -14.45 2.80
CA LEU A 158 2.25 -13.35 2.89
C LEU A 158 3.01 -13.33 4.23
N ASN A 159 2.87 -14.39 5.03
CA ASN A 159 3.48 -14.48 6.32
C ASN A 159 3.10 -13.34 7.23
N MET A 160 1.82 -12.94 7.24
CA MET A 160 1.32 -11.88 8.11
C MET A 160 0.34 -12.51 9.13
N ASN A 161 0.52 -12.10 10.38
CA ASN A 161 -0.35 -12.54 11.48
C ASN A 161 -1.50 -11.55 11.71
N ASP A 162 -2.33 -11.83 12.71
CA ASP A 162 -3.51 -11.00 12.94
C ASP A 162 -3.16 -9.52 13.08
N ARG A 163 -2.18 -9.26 13.95
N ARG A 163 -2.15 -9.26 13.95
CA ARG A 163 -1.80 -7.87 14.25
CA ARG A 163 -1.80 -7.87 14.25
C ARG A 163 -1.28 -7.16 13.00
C ARG A 163 -1.31 -7.16 12.99
N GLU A 164 -0.49 -7.85 12.21
CA GLU A 164 0.08 -7.28 10.99
C GLU A 164 -1.03 -7.03 9.95
N VAL A 165 -2.02 -7.92 9.85
CA VAL A 165 -3.16 -7.75 8.95
C VAL A 165 -3.98 -6.52 9.36
N VAL A 166 -4.34 -6.43 10.63
CA VAL A 166 -5.16 -5.32 11.05
C VAL A 166 -4.42 -4.01 10.87
N ALA A 167 -3.14 -3.98 11.19
CA ALA A 167 -2.28 -2.79 10.98
C ALA A 167 -2.25 -2.38 9.49
N LEU A 168 -1.94 -3.32 8.62
CA LEU A 168 -1.85 -3.03 7.20
C LEU A 168 -3.17 -2.46 6.66
N MET A 169 -4.28 -3.00 7.13
N MET A 169 -4.31 -3.00 7.12
CA MET A 169 -5.58 -2.58 6.62
CA MET A 169 -5.58 -2.59 6.60
C MET A 169 -5.90 -1.13 6.98
C MET A 169 -5.91 -1.14 6.98
N GLY A 170 -5.21 -0.59 7.98
CA GLY A 170 -5.41 0.82 8.35
C GLY A 170 -5.06 1.74 7.21
N ALA A 171 -4.35 1.30 6.18
CA ALA A 171 -4.15 2.11 4.99
C ALA A 171 -5.45 2.46 4.28
N HIS A 172 -6.53 1.76 4.61
CA HIS A 172 -7.82 2.09 4.07
C HIS A 172 -8.44 3.33 4.67
N ALA A 173 -7.71 4.02 5.56
CA ALA A 173 -8.05 5.42 5.86
C ALA A 173 -7.90 6.28 4.62
N LEU A 174 -7.04 5.87 3.70
CA LEU A 174 -6.59 6.65 2.55
C LEU A 174 -7.43 6.43 1.32
N GLY A 175 -7.71 7.54 0.59
CA GLY A 175 -8.31 7.37 -0.69
C GLY A 175 -9.72 6.75 -0.66
N LYS A 176 -10.05 6.05 -1.74
N LYS A 176 -10.06 6.06 -1.74
CA LYS A 176 -11.43 5.60 -1.93
CA LYS A 176 -11.43 5.60 -1.91
C LYS A 176 -11.49 4.47 -2.93
C LYS A 176 -11.49 4.49 -2.93
N THR A 177 -12.64 3.80 -2.93
CA THR A 177 -12.94 2.86 -3.99
C THR A 177 -13.58 3.65 -5.19
N HIS A 178 -13.47 3.05 -6.35
CA HIS A 178 -14.03 3.62 -7.61
C HIS A 178 -14.79 2.50 -8.30
N LEU A 179 -16.10 2.73 -8.53
CA LEU A 179 -16.96 1.68 -9.08
C LEU A 179 -16.37 1.08 -10.37
N LYS A 180 -15.80 1.94 -11.22
CA LYS A 180 -15.30 1.45 -12.51
C LYS A 180 -14.02 0.59 -12.37
N ASN A 181 -13.30 0.74 -11.25
CA ASN A 181 -12.07 -0.04 -11.05
C ASN A 181 -12.36 -1.39 -10.39
N SER A 182 -13.17 -1.37 -9.35
CA SER A 182 -13.28 -2.54 -8.41
C SER A 182 -14.73 -3.01 -8.15
N GLY A 183 -15.73 -2.26 -8.64
CA GLY A 183 -17.12 -2.57 -8.29
C GLY A 183 -17.56 -2.19 -6.90
N TYR A 184 -16.84 -1.23 -6.29
CA TYR A 184 -17.21 -0.68 -5.01
C TYR A 184 -17.35 0.82 -5.10
N GLU A 185 -18.40 1.34 -4.46
N GLU A 185 -18.29 1.39 -4.36
CA GLU A 185 -18.82 2.74 -4.53
CA GLU A 185 -18.57 2.83 -4.39
C GLU A 185 -18.15 3.56 -3.42
C GLU A 185 -18.10 3.60 -3.13
N GLY A 186 -17.30 4.52 -3.76
N GLY A 186 -17.24 4.62 -3.27
CA GLY A 186 -16.54 5.22 -2.74
CA GLY A 186 -17.01 5.58 -2.19
C GLY A 186 -17.42 6.19 -1.98
C GLY A 186 -15.84 5.55 -1.19
N GLY A 187 -17.06 6.47 -0.74
N GLY A 187 -15.93 6.41 -0.16
CA GLY A 187 -17.68 7.53 0.03
CA GLY A 187 -14.87 6.57 0.85
C GLY A 187 -16.63 8.62 0.25
C GLY A 187 -14.51 8.03 1.10
N GLY A 188 -16.69 9.30 1.40
N GLY A 188 -14.94 8.92 0.23
CA GLY A 188 -15.78 10.41 1.73
CA GLY A 188 -14.63 10.32 0.42
C GLY A 188 -14.36 9.90 1.69
C GLY A 188 -13.28 10.65 -0.14
N ALA A 189 -13.48 10.76 1.18
N ALA A 189 -12.58 11.59 0.48
CA ALA A 189 -12.07 10.40 1.02
CA ALA A 189 -11.34 12.07 -0.11
C ALA A 189 -11.12 11.39 1.70
C ALA A 189 -10.21 12.31 0.88
N ASN A 190 -9.93 10.90 1.99
N ASN A 190 -10.04 11.44 1.88
CA ASN A 190 -8.95 11.56 2.82
CA ASN A 190 -8.92 11.72 2.77
C ASN A 190 -7.54 11.24 2.30
C ASN A 190 -7.56 11.28 2.27
N ASN A 191 -6.61 12.20 2.42
CA ASN A 191 -5.22 12.00 1.98
C ASN A 191 -4.24 12.33 3.12
N VAL A 192 -4.67 12.12 4.36
CA VAL A 192 -3.84 12.23 5.53
C VAL A 192 -3.81 10.87 6.21
N PHE A 193 -2.63 10.38 6.55
CA PHE A 193 -2.47 9.08 7.15
C PHE A 193 -2.70 9.19 8.65
N THR A 194 -3.81 8.59 9.14
CA THR A 194 -4.17 8.61 10.56
C THR A 194 -4.73 7.24 10.88
N ASN A 195 -5.15 7.03 12.14
CA ASN A 195 -5.89 5.83 12.58
C ASN A 195 -7.39 5.92 12.36
N GLU A 196 -7.87 6.79 11.48
CA GLU A 196 -9.30 6.98 11.35
C GLU A 196 -10.06 5.78 10.78
N PHE A 197 -9.39 4.87 10.09
CA PHE A 197 -10.10 3.65 9.61
C PHE A 197 -10.74 2.92 10.80
N TYR A 198 -9.95 2.82 11.88
CA TYR A 198 -10.40 2.08 13.06
C TYR A 198 -11.48 2.84 13.83
N LEU A 199 -11.32 4.16 13.98
CA LEU A 199 -12.32 4.99 14.62
C LEU A 199 -13.62 4.93 13.78
N ASN A 200 -13.59 4.99 12.45
CA ASN A 200 -14.78 4.89 11.61
C ASN A 200 -15.44 3.53 11.84
N LEU A 201 -14.68 2.45 11.81
CA LEU A 201 -15.26 1.14 12.02
C LEU A 201 -16.06 1.11 13.30
N LEU A 202 -15.49 1.65 14.40
CA LEU A 202 -16.10 1.51 15.72
C LEU A 202 -17.20 2.54 16.00
N ASN A 203 -17.16 3.72 15.38
CA ASN A 203 -18.01 4.85 15.75
C ASN A 203 -19.15 5.13 14.84
N GLU A 204 -19.06 4.72 13.59
N GLU A 204 -19.09 4.81 13.60
CA GLU A 204 -20.09 5.02 12.62
CA GLU A 204 -20.12 5.12 12.62
C GLU A 204 -21.28 4.08 12.73
C GLU A 204 -21.30 4.18 12.73
N ASP A 205 -22.40 4.53 12.18
CA ASP A 205 -23.63 3.75 12.16
C ASP A 205 -23.68 3.11 10.78
N TRP A 206 -23.35 1.82 10.73
CA TRP A 206 -23.17 1.09 9.46
C TRP A 206 -24.42 0.34 9.04
N LYS A 207 -24.65 0.35 7.75
CA LYS A 207 -25.79 -0.41 7.13
C LYS A 207 -25.28 -1.17 5.90
N LEU A 208 -25.56 -2.46 5.84
CA LEU A 208 -25.18 -3.25 4.68
C LEU A 208 -26.11 -2.94 3.50
N GLU A 209 -25.53 -2.62 2.36
CA GLU A 209 -26.25 -2.27 1.13
C GLU A 209 -25.68 -2.92 -0.05
N LYS A 210 -26.45 -2.96 -1.12
CA LYS A 210 -25.98 -3.49 -2.40
C LYS A 210 -25.81 -2.32 -3.37
N ASN A 211 -24.61 -2.16 -3.91
CA ASN A 211 -24.30 -1.05 -4.76
C ASN A 211 -24.74 -1.31 -6.22
N ASP A 212 -24.45 -0.34 -7.06
CA ASP A 212 -24.93 -0.38 -8.45
C ASP A 212 -24.20 -1.40 -9.33
N ALA A 213 -23.07 -1.90 -8.84
CA ALA A 213 -22.40 -3.02 -9.45
C ALA A 213 -22.85 -4.38 -8.91
N ASN A 214 -23.88 -4.36 -8.09
CA ASN A 214 -24.43 -5.57 -7.49
C ASN A 214 -23.56 -6.22 -6.40
N ASN A 215 -22.65 -5.44 -5.82
CA ASN A 215 -21.81 -5.95 -4.77
C ASN A 215 -22.26 -5.38 -3.43
N GLU A 216 -22.09 -6.16 -2.39
N GLU A 216 -22.07 -6.18 -2.38
CA GLU A 216 -22.39 -5.71 -1.04
CA GLU A 216 -22.36 -5.83 -0.99
C GLU A 216 -21.26 -4.87 -0.44
C GLU A 216 -21.27 -4.93 -0.36
N GLN A 217 -21.65 -3.81 0.26
CA GLN A 217 -20.73 -2.97 1.00
C GLN A 217 -21.45 -2.31 2.17
N TRP A 218 -20.70 -1.91 3.18
CA TRP A 218 -21.27 -1.28 4.39
C TRP A 218 -21.16 0.21 4.26
N ASP A 219 -22.28 0.93 4.45
CA ASP A 219 -22.36 2.37 4.23
C ASP A 219 -22.83 3.06 5.50
N SER A 220 -22.24 4.21 5.82
CA SER A 220 -22.69 4.93 7.01
C SER A 220 -23.54 6.09 6.63
N LYS A 221 -24.29 6.55 7.64
CA LYS A 221 -25.18 7.68 7.43
C LYS A 221 -24.37 8.95 7.08
N SER A 222 -23.15 9.04 7.62
N SER A 222 -23.14 9.02 7.61
CA SER A 222 -22.26 10.18 7.41
CA SER A 222 -22.25 10.16 7.41
C SER A 222 -21.49 10.14 6.08
C SER A 222 -21.54 10.15 6.05
N GLY A 223 -21.71 9.08 5.29
CA GLY A 223 -21.21 9.03 3.92
C GLY A 223 -19.90 8.23 3.79
N TYR A 224 -19.53 7.43 4.79
CA TYR A 224 -18.35 6.55 4.67
C TYR A 224 -18.77 5.19 4.16
N MET A 225 -17.80 4.37 3.77
CA MET A 225 -18.04 3.00 3.39
C MET A 225 -16.96 2.09 3.96
N MET A 226 -17.27 0.80 4.01
CA MET A 226 -16.34 -0.29 4.34
C MET A 226 -16.61 -1.45 3.38
N LEU A 227 -15.55 -2.05 2.82
CA LEU A 227 -15.66 -3.30 2.16
C LEU A 227 -16.11 -4.40 3.12
N PRO A 228 -16.70 -5.51 2.61
CA PRO A 228 -16.94 -6.64 3.51
C PRO A 228 -15.67 -7.13 4.24
N THR A 229 -14.53 -7.12 3.56
CA THR A 229 -13.31 -7.56 4.22
C THR A 229 -12.81 -6.53 5.27
N ASP A 230 -13.09 -5.25 5.11
CA ASP A 230 -12.84 -4.21 6.13
C ASP A 230 -13.71 -4.48 7.34
N TYR A 231 -15.01 -4.65 7.10
CA TYR A 231 -15.97 -4.85 8.16
C TYR A 231 -15.74 -6.12 8.93
N SER A 232 -15.14 -7.09 8.28
N SER A 232 -15.14 -7.11 8.29
CA SER A 232 -14.78 -8.36 8.95
CA SER A 232 -14.80 -8.37 8.95
C SER A 232 -13.93 -8.18 10.17
C SER A 232 -13.90 -8.18 10.17
N LEU A 233 -13.13 -7.10 10.18
CA LEU A 233 -12.26 -6.81 11.29
C LEU A 233 -12.98 -6.46 12.57
N ILE A 234 -14.28 -6.11 12.50
CA ILE A 234 -15.05 -5.96 13.71
C ILE A 234 -16.02 -7.10 13.95
N GLN A 235 -16.12 -8.04 12.99
CA GLN A 235 -16.96 -9.22 13.15
C GLN A 235 -16.22 -10.35 13.88
N ASP A 236 -14.93 -10.43 13.71
CA ASP A 236 -14.09 -11.47 14.29
C ASP A 236 -13.54 -10.94 15.61
N PRO A 237 -13.66 -11.74 16.69
CA PRO A 237 -13.34 -11.17 18.00
C PRO A 237 -11.84 -10.86 18.20
N LYS A 238 -10.97 -11.63 17.52
CA LYS A 238 -9.53 -11.37 17.59
C LYS A 238 -9.13 -10.11 16.84
N TYR A 239 -9.67 -9.95 15.66
CA TYR A 239 -9.48 -8.71 14.91
C TYR A 239 -10.05 -7.52 15.67
N LEU A 240 -11.24 -7.69 16.27
CA LEU A 240 -11.90 -6.55 16.95
C LEU A 240 -11.03 -5.97 18.06
N SER A 241 -10.38 -6.81 18.84
N SER A 241 -10.37 -6.81 18.85
CA SER A 241 -9.53 -6.36 19.93
CA SER A 241 -9.58 -6.31 19.96
C SER A 241 -8.45 -5.45 19.41
C SER A 241 -8.41 -5.47 19.44
N ILE A 242 -7.87 -5.82 18.29
CA ILE A 242 -6.77 -5.07 17.70
C ILE A 242 -7.27 -3.76 17.10
N VAL A 243 -8.40 -3.81 16.42
CA VAL A 243 -9.06 -2.58 15.95
C VAL A 243 -9.23 -1.60 17.11
N LYS A 244 -9.76 -2.10 18.24
CA LYS A 244 -9.90 -1.20 19.40
C LYS A 244 -8.57 -0.63 19.89
N GLU A 245 -7.56 -1.46 19.93
N GLU A 245 -7.54 -1.47 19.87
CA GLU A 245 -6.25 -0.99 20.31
CA GLU A 245 -6.20 -1.03 20.29
C GLU A 245 -5.80 0.20 19.45
C GLU A 245 -5.65 0.12 19.45
N TYR A 246 -5.81 0.02 18.14
CA TYR A 246 -5.36 1.04 17.22
C TYR A 246 -6.25 2.28 17.23
N ALA A 247 -7.57 2.13 17.44
CA ALA A 247 -8.46 3.28 17.54
C ALA A 247 -8.10 4.08 18.78
N ASN A 248 -7.50 3.47 19.81
CA ASN A 248 -7.17 4.08 21.07
C ASN A 248 -5.70 4.44 21.28
N ASP A 249 -4.87 4.15 20.28
CA ASP A 249 -3.43 4.40 20.40
C ASP A 249 -2.81 4.67 19.03
N GLN A 250 -2.81 5.94 18.65
CA GLN A 250 -2.25 6.39 17.39
C GLN A 250 -0.79 6.03 17.21
N ASP A 251 -0.01 6.17 18.25
CA ASP A 251 1.43 5.89 18.12
C ASP A 251 1.69 4.39 17.95
N LYS A 252 0.94 3.56 18.65
CA LYS A 252 1.05 2.11 18.48
C LYS A 252 0.69 1.70 17.04
N PHE A 253 -0.39 2.26 16.51
CA PHE A 253 -0.75 1.97 15.13
C PHE A 253 0.38 2.37 14.17
N PHE A 254 0.90 3.58 14.35
CA PHE A 254 1.98 4.06 13.50
C PHE A 254 3.18 3.11 13.53
N LYS A 255 3.58 2.68 14.72
CA LYS A 255 4.76 1.80 14.86
C LYS A 255 4.49 0.43 14.24
N ASP A 256 3.33 -0.13 14.49
CA ASP A 256 3.03 -1.45 13.95
C ASP A 256 2.84 -1.41 12.42
N PHE A 257 2.19 -0.36 11.91
CA PHE A 257 2.03 -0.21 10.45
C PHE A 257 3.42 -0.11 9.81
N SER A 258 4.31 0.70 10.39
CA SER A 258 5.61 0.89 9.82
C SER A 258 6.35 -0.44 9.65
N LYS A 259 6.34 -1.25 10.71
N LYS A 259 6.33 -1.26 10.71
CA LYS A 259 6.98 -2.55 10.65
CA LYS A 259 6.97 -2.56 10.66
C LYS A 259 6.35 -3.46 9.62
C LYS A 259 6.34 -3.47 9.62
N ALA A 260 5.02 -3.55 9.65
CA ALA A 260 4.31 -4.44 8.73
C ALA A 260 4.49 -4.05 7.27
N PHE A 261 4.47 -2.74 7.00
CA PHE A 261 4.58 -2.24 5.65
C PHE A 261 5.99 -2.43 5.11
N GLU A 262 7.00 -2.18 5.93
CA GLU A 262 8.36 -2.51 5.50
C GLU A 262 8.48 -4.01 5.20
N LYS A 263 7.97 -4.84 6.09
CA LYS A 263 8.05 -6.29 5.90
C LYS A 263 7.35 -6.69 4.61
N LEU A 264 6.14 -6.18 4.36
CA LEU A 264 5.43 -6.45 3.09
C LEU A 264 6.30 -6.13 1.91
N LEU A 265 6.88 -4.95 1.90
N LEU A 265 6.91 -4.97 1.92
CA LEU A 265 7.71 -4.49 0.78
CA LEU A 265 7.69 -4.49 0.80
C LEU A 265 9.04 -5.24 0.62
C LEU A 265 9.03 -5.24 0.62
N GLU A 266 9.45 -5.95 1.66
CA GLU A 266 10.73 -6.72 1.68
C GLU A 266 10.54 -8.22 1.53
N ASN A 267 9.32 -8.71 1.61
CA ASN A 267 9.12 -10.16 1.56
C ASN A 267 9.78 -10.67 0.26
N GLY A 268 10.46 -11.79 0.40
CA GLY A 268 11.10 -12.50 -0.71
C GLY A 268 12.50 -12.06 -0.99
N ILE A 269 12.99 -11.02 -0.32
CA ILE A 269 14.35 -10.48 -0.58
C ILE A 269 15.32 -10.93 0.49
N THR A 270 16.45 -11.47 0.00
CA THR A 270 17.57 -11.83 0.84
C THR A 270 18.55 -10.70 0.81
N PHE A 271 18.79 -10.10 1.97
CA PHE A 271 19.72 -9.00 2.16
C PHE A 271 21.04 -9.55 2.64
N PRO A 272 22.13 -9.35 1.87
CA PRO A 272 23.42 -9.80 2.35
C PRO A 272 23.77 -9.18 3.71
N LYS A 273 24.61 -9.87 4.47
CA LYS A 273 24.93 -9.39 5.81
C LYS A 273 25.67 -8.05 5.81
N ASP A 274 26.37 -7.77 4.71
CA ASP A 274 27.05 -6.49 4.50
C ASP A 274 26.26 -5.49 3.64
N ALA A 275 24.97 -5.75 3.40
CA ALA A 275 24.10 -4.77 2.75
C ALA A 275 24.03 -3.50 3.64
N PRO A 276 23.74 -2.34 3.03
CA PRO A 276 23.50 -1.15 3.85
C PRO A 276 22.32 -1.36 4.81
N SER A 277 22.37 -0.62 5.91
CA SER A 277 21.23 -0.57 6.81
C SER A 277 20.05 0.08 6.09
N PRO A 278 18.80 -0.18 6.58
CA PRO A 278 17.67 0.55 6.01
C PRO A 278 17.83 2.05 6.07
N PHE A 279 17.35 2.73 5.05
CA PHE A 279 17.32 4.18 4.97
C PHE A 279 16.04 4.71 5.61
N ILE A 280 16.16 5.82 6.34
CA ILE A 280 14.97 6.57 6.81
C ILE A 280 15.04 7.94 6.17
N PHE A 281 14.18 8.13 5.19
CA PHE A 281 14.15 9.40 4.43
C PHE A 281 13.52 10.53 5.20
N LYS A 282 14.11 11.71 5.03
CA LYS A 282 13.52 12.94 5.54
C LYS A 282 12.38 13.38 4.63
N THR A 283 11.30 13.91 5.25
CA THR A 283 10.21 14.45 4.48
C THR A 283 10.65 15.78 3.84
N LEU A 284 9.88 16.26 2.89
CA LEU A 284 10.16 17.61 2.37
C LEU A 284 10.12 18.62 3.48
N GLU A 285 9.13 18.48 4.35
CA GLU A 285 8.98 19.35 5.51
C GLU A 285 10.22 19.41 6.40
N GLU A 286 10.80 18.24 6.72
CA GLU A 286 11.97 18.17 7.59
C GLU A 286 13.20 18.79 6.91
N GLN A 287 13.22 18.83 5.57
CA GLN A 287 14.32 19.44 4.76
C GLN A 287 14.11 20.95 4.48
N GLY A 288 12.96 21.49 4.86
CA GLY A 288 12.62 22.87 4.50
C GLY A 288 12.40 23.09 3.03
N LEU A 289 11.96 22.04 2.33
CA LEU A 289 11.64 22.06 0.93
C LEU A 289 10.16 22.10 0.63
CAE 1LQ B . -11.27 0.49 1.23
CAB 1LQ B . -10.47 0.78 0.13
CAC 1LQ B . -10.12 2.10 -0.14
CAF 1LQ B . -10.57 3.12 0.67
C5 1LQ B . -11.40 2.83 1.81
C4 1LQ B . -11.73 1.53 2.07
N3 1LQ B . -12.53 1.24 3.16
C2 1LQ B . -12.97 2.22 3.96
N1 1LQ B . -12.66 3.51 3.74
C6 1LQ B . -11.89 3.85 2.69
NAA 1LQ B . -11.62 5.24 2.51
CHA HEM C . -8.08 0.58 -2.43
CHB HEM C . -9.37 -4.06 -1.53
CHC HEM C . -5.65 -4.47 1.55
CHD HEM C . -4.18 0.06 0.43
C1A HEM C . -8.70 -0.66 -2.48
C2A HEM C . -9.86 -0.92 -3.32
C3A HEM C . -10.25 -2.26 -3.07
C4A HEM C . -9.32 -2.76 -2.07
CMA HEM C . -11.41 -3.00 -3.65
CAA HEM C . -10.47 0.06 -4.26
CBA HEM C . -9.74 0.08 -5.62
CGA HEM C . -10.42 1.09 -6.55
O1A HEM C . -11.65 0.93 -6.75
O2A HEM C . -9.78 2.04 -7.03
C1B HEM C . -8.48 -4.56 -0.56
C2B HEM C . -8.61 -5.87 0.01
C3B HEM C . -7.55 -5.96 0.93
C4B HEM C . -6.80 -4.71 0.80
CMB HEM C . -9.65 -6.85 -0.34
CAB HEM C . -7.22 -7.05 1.83
CBB HEM C . -8.09 -7.93 2.30
C1C HEM C . -4.86 -3.29 1.46
C2C HEM C . -3.57 -3.16 2.07
C3C HEM C . -3.13 -1.83 1.74
C4C HEM C . -4.20 -1.27 0.85
CMC HEM C . -2.85 -4.19 2.88
CAC HEM C . -1.85 -1.15 2.03
CBC HEM C . -1.12 -1.29 3.09
C1D HEM C . -5.20 0.65 -0.37
C2D HEM C . -5.21 2.05 -0.72
C3D HEM C . -6.35 2.20 -1.57
C4D HEM C . -6.96 0.87 -1.63
CMD HEM C . -4.26 3.08 -0.21
CAD HEM C . -6.90 3.46 -2.16
CBD HEM C . -6.51 3.68 -3.58
CGD HEM C . -7.10 4.92 -4.19
O1D HEM C . -6.93 4.99 -5.47
O2D HEM C . -7.62 5.82 -3.51
NA HEM C . -8.30 -1.81 -1.74
NB HEM C . -7.37 -3.89 -0.08
NC HEM C . -5.24 -2.15 0.67
ND HEM C . -6.24 -0.06 -0.94
FE HEM C . -6.82 -1.93 -0.45
#